data_4E2J
#
_entry.id   4E2J
#
_cell.length_a   104.356
_cell.length_b   104.356
_cell.length_c   143.925
_cell.angle_alpha   90.00
_cell.angle_beta   90.00
_cell.angle_gamma   120.00
#
_symmetry.space_group_name_H-M   'P 61'
#
loop_
_entity.id
_entity.type
_entity.pdbx_description
1 polymer 'Ancestral Glucocorticoid Receptor 2'
2 polymer 'Nuclear receptor coactivator 2'
3 non-polymer GLYCEROL
4 non-polymer 'MOMETASONE FUROATE'
5 non-polymer 'FORMIC ACID'
6 water water
#
loop_
_entity_poly.entity_id
_entity_poly.type
_entity_poly.pdbx_seq_one_letter_code
_entity_poly.pdbx_strand_id
1 'polypeptide(L)'
;SNAPTLISLLEVIEPEVLYSGYDSTLPDTSTRLMSTLNRLGGRQVVSAVKWAKALPGFRNLHLDDQMTLLQYSWMSLMAF
SLGWRSYKQSNGNMLCFAPDLVINEERMQLPYMYDQCQQMLKISSEFVRLQVSYDEYLCMKVLLLLSTVPKDGLKSQAVF
DEIRMTYIKELGKAIVKREGNSSQNWQRFYQLTKLLDSMHEMVGGLLQFCFYTFVNKSLSVEFPEMLAEIISNQLPKFKA
GSVKPLLFHQ
;
A,B
2 'polypeptide(L)' ENALLRYLLDKD C,E
#
# COMPACT_ATOMS: atom_id res chain seq x y z
N PRO A 4 25.96 14.66 37.92
CA PRO A 4 25.14 15.01 36.76
C PRO A 4 25.58 14.23 35.51
N THR A 5 25.13 12.99 35.40
CA THR A 5 25.54 12.07 34.33
C THR A 5 24.88 12.40 33.00
N LEU A 6 25.41 11.82 31.93
CA LEU A 6 24.88 12.01 30.58
C LEU A 6 23.51 11.32 30.41
N ILE A 7 23.35 10.15 31.00
CA ILE A 7 22.11 9.40 30.92
C ILE A 7 20.95 10.12 31.63
N SER A 8 21.26 10.74 32.77
CA SER A 8 20.23 11.48 33.52
C SER A 8 19.78 12.71 32.74
N LEU A 9 20.70 13.32 32.01
CA LEU A 9 20.39 14.45 31.13
C LEU A 9 19.48 14.01 29.98
N LEU A 10 19.73 12.82 29.42
CA LEU A 10 18.88 12.23 28.39
C LEU A 10 17.47 11.97 28.92
N GLU A 11 17.36 11.64 30.20
CA GLU A 11 16.05 11.45 30.83
C GLU A 11 15.27 12.77 30.88
N VAL A 12 15.97 13.84 31.26
CA VAL A 12 15.36 15.16 31.41
C VAL A 12 14.95 15.77 30.08
N ILE A 13 15.76 15.59 29.04
CA ILE A 13 15.48 16.21 27.75
C ILE A 13 14.56 15.39 26.84
N GLU A 14 14.17 14.21 27.30
CA GLU A 14 13.21 13.39 26.56
C GLU A 14 11.85 14.09 26.50
N PRO A 15 11.34 14.35 25.28
CA PRO A 15 10.07 15.06 25.09
C PRO A 15 8.89 14.38 25.78
N GLU A 16 7.98 15.18 26.31
CA GLU A 16 6.75 14.69 26.92
C GLU A 16 5.85 14.09 25.82
N VAL A 17 5.15 13.02 26.17
CA VAL A 17 4.21 12.37 25.23
C VAL A 17 3.09 13.33 24.83
N LEU A 18 2.95 13.54 23.52
CA LEU A 18 1.97 14.48 22.99
C LEU A 18 0.60 13.85 22.79
N TYR A 19 -0.43 14.69 22.87
CA TYR A 19 -1.79 14.26 22.59
C TYR A 19 -2.18 14.68 21.18
N SER A 20 -2.85 13.78 20.47
CA SER A 20 -3.22 14.01 19.07
C SER A 20 -4.43 14.92 18.93
N GLY A 21 -5.33 14.87 19.92
CA GLY A 21 -6.61 15.59 19.86
C GLY A 21 -7.59 14.91 18.92
N TYR A 22 -7.34 13.64 18.63
CA TYR A 22 -8.18 12.87 17.73
C TYR A 22 -9.61 12.82 18.26
N ASP A 23 -10.56 13.01 17.35
CA ASP A 23 -11.97 13.10 17.74
C ASP A 23 -12.77 11.93 17.18
N SER A 24 -12.90 10.89 18.01
CA SER A 24 -13.58 9.67 17.60
C SER A 24 -15.12 9.79 17.65
N THR A 25 -15.62 11.02 17.81
CA THR A 25 -17.05 11.28 17.66
C THR A 25 -17.38 11.48 16.18
N LEU A 26 -16.40 11.98 15.43
CA LEU A 26 -16.49 12.10 13.97
C LEU A 26 -16.43 10.72 13.29
N PRO A 27 -16.83 10.66 12.00
CA PRO A 27 -16.75 9.39 11.27
C PRO A 27 -15.32 8.89 11.10
N ASP A 28 -15.13 7.57 11.22
CA ASP A 28 -13.82 6.95 11.08
C ASP A 28 -13.49 6.69 9.60
N THR A 29 -12.61 7.52 9.03
CA THR A 29 -12.15 7.34 7.66
C THR A 29 -10.62 7.24 7.60
N SER A 30 -10.11 6.71 6.49
CA SER A 30 -8.67 6.56 6.28
C SER A 30 -7.95 7.91 6.19
N THR A 31 -8.53 8.82 5.41
CA THR A 31 -7.98 10.16 5.21
C THR A 31 -7.84 10.93 6.53
N ARG A 32 -8.89 10.91 7.35
CA ARG A 32 -8.88 11.58 8.65
C ARG A 32 -7.80 11.03 9.58
N LEU A 33 -7.62 9.71 9.59
CA LEU A 33 -6.66 9.07 10.47
C LEU A 33 -5.22 9.39 10.07
N MET A 34 -4.91 9.25 8.78
CA MET A 34 -3.56 9.51 8.28
C MET A 34 -3.19 10.99 8.36
N SER A 35 -4.20 11.87 8.25
CA SER A 35 -4.00 13.30 8.40
C SER A 35 -3.80 13.71 9.86
N THR A 36 -4.55 13.06 10.75
CA THR A 36 -4.38 13.24 12.20
C THR A 36 -3.00 12.74 12.65
N LEU A 37 -2.57 11.60 12.11
CA LEU A 37 -1.25 11.05 12.41
C LEU A 37 -0.13 11.90 11.85
N ASN A 38 -0.33 12.45 10.65
CA ASN A 38 0.65 13.38 10.08
C ASN A 38 0.81 14.66 10.88
N ARG A 39 -0.31 15.22 11.34
CA ARG A 39 -0.31 16.42 12.19
C ARG A 39 0.40 16.16 13.51
N LEU A 40 0.14 15.00 14.11
CA LEU A 40 0.84 14.59 15.32
C LEU A 40 2.34 14.46 15.04
N GLY A 41 2.67 13.80 13.92
CA GLY A 41 4.05 13.59 13.51
C GLY A 41 4.83 14.87 13.28
N GLY A 42 4.19 15.86 12.68
CA GLY A 42 4.80 17.17 12.46
C GLY A 42 5.24 17.81 13.76
N ARG A 43 4.36 17.73 14.76
CA ARG A 43 4.63 18.27 16.10
C ARG A 43 5.73 17.50 16.82
N GLN A 44 5.72 16.18 16.69
CA GLN A 44 6.74 15.31 17.27
C GLN A 44 8.12 15.60 16.68
N VAL A 45 8.16 15.87 15.38
CA VAL A 45 9.41 16.20 14.70
C VAL A 45 9.97 17.52 15.22
N VAL A 46 9.10 18.50 15.45
CA VAL A 46 9.48 19.77 16.05
C VAL A 46 10.14 19.53 17.40
N SER A 47 9.52 18.69 18.23
CA SER A 47 10.08 18.32 19.54
C SER A 47 11.45 17.65 19.39
N ALA A 48 11.57 16.79 18.39
CA ALA A 48 12.81 16.06 18.13
C ALA A 48 13.96 16.98 17.77
N VAL A 49 13.66 18.08 17.09
CA VAL A 49 14.68 19.09 16.76
C VAL A 49 15.17 19.76 18.05
N LYS A 50 14.24 20.11 18.92
CA LYS A 50 14.55 20.68 20.23
C LYS A 50 15.36 19.69 21.08
N TRP A 51 14.98 18.42 20.98
CA TRP A 51 15.66 17.35 21.70
C TRP A 51 17.09 17.20 21.24
N ALA A 52 17.28 17.11 19.92
CA ALA A 52 18.61 16.95 19.32
C ALA A 52 19.55 18.12 19.65
N LYS A 53 19.03 19.34 19.61
CA LYS A 53 19.78 20.55 19.97
C LYS A 53 20.31 20.53 21.41
N ALA A 54 19.63 19.76 22.28
CA ALA A 54 20.01 19.64 23.68
C ALA A 54 20.94 18.45 23.97
N LEU A 55 21.28 17.69 22.93
CA LEU A 55 22.21 16.58 23.07
C LEU A 55 23.64 17.11 23.10
N PRO A 56 24.38 16.83 24.20
CA PRO A 56 25.77 17.24 24.23
C PRO A 56 26.49 16.69 23.00
N GLY A 57 27.11 17.59 22.23
CA GLY A 57 27.87 17.22 21.06
C GLY A 57 27.21 17.58 19.74
N PHE A 58 25.88 17.44 19.67
CA PHE A 58 25.14 17.67 18.44
C PHE A 58 25.38 19.07 17.86
N ARG A 59 25.52 20.06 18.73
CA ARG A 59 25.73 21.44 18.31
C ARG A 59 27.18 21.76 17.91
N ASN A 60 28.09 20.82 18.17
CA ASN A 60 29.47 20.93 17.66
C ASN A 60 29.53 20.63 16.17
N LEU A 61 28.48 19.99 15.66
CA LEU A 61 28.40 19.64 14.23
C LEU A 61 28.04 20.85 13.39
N HIS A 62 28.51 20.85 12.14
CA HIS A 62 28.16 21.88 11.18
C HIS A 62 26.67 21.87 10.94
N LEU A 63 26.09 23.07 10.84
CA LEU A 63 24.63 23.23 10.70
C LEU A 63 24.03 22.36 9.59
N ASP A 64 24.76 22.20 8.50
CA ASP A 64 24.32 21.35 7.40
C ASP A 64 24.24 19.87 7.79
N ASP A 65 25.21 19.42 8.60
CA ASP A 65 25.22 18.06 9.14
C ASP A 65 24.04 17.83 10.07
N GLN A 66 23.76 18.84 10.90
CA GLN A 66 22.64 18.82 11.82
C GLN A 66 21.30 18.65 11.09
N MET A 67 21.14 19.37 9.98
CA MET A 67 19.93 19.27 9.17
C MET A 67 19.83 17.90 8.51
N THR A 68 20.95 17.45 7.95
CA THR A 68 21.02 16.18 7.24
C THR A 68 20.60 15.00 8.14
N LEU A 69 21.17 14.93 9.34
CA LEU A 69 20.90 13.84 10.26
C LEU A 69 19.43 13.78 10.68
N LEU A 70 18.85 14.95 10.91
CA LEU A 70 17.43 15.04 11.25
C LEU A 70 16.55 14.68 10.06
N GLN A 71 16.91 15.16 8.87
CA GLN A 71 16.18 14.81 7.63
C GLN A 71 16.27 13.33 7.29
N TYR A 72 17.39 12.69 7.64
CA TYR A 72 17.63 11.31 7.23
C TYR A 72 17.07 10.28 8.22
N SER A 73 16.89 10.68 9.47
CA SER A 73 16.54 9.72 10.52
C SER A 73 15.20 9.96 11.19
N TRP A 74 14.52 11.05 10.83
CA TRP A 74 13.28 11.44 11.50
C TRP A 74 12.27 10.33 11.64
N MET A 75 12.09 9.55 10.57
CA MET A 75 11.12 8.46 10.56
C MET A 75 11.54 7.37 11.56
N SER A 76 12.83 7.04 11.57
CA SER A 76 13.39 6.08 12.53
C SER A 76 13.17 6.47 13.98
N LEU A 77 13.38 7.75 14.31
CA LEU A 77 13.16 8.25 15.66
C LEU A 77 11.70 8.12 16.07
N MET A 78 10.80 8.51 15.17
CA MET A 78 9.37 8.48 15.41
C MET A 78 8.88 7.04 15.61
N ALA A 79 9.32 6.14 14.75
CA ALA A 79 8.89 4.75 14.79
C ALA A 79 9.45 4.02 16.03
N PHE A 80 10.68 4.37 16.40
CA PHE A 80 11.32 3.83 17.60
C PHE A 80 10.56 4.26 18.85
N SER A 81 10.24 5.56 18.93
CA SER A 81 9.47 6.10 20.05
C SER A 81 8.10 5.47 20.15
N LEU A 82 7.44 5.32 19.00
CA LEU A 82 6.16 4.65 18.90
C LEU A 82 6.27 3.21 19.38
N GLY A 83 7.33 2.53 18.97
CA GLY A 83 7.62 1.18 19.48
C GLY A 83 7.74 1.15 20.98
N TRP A 84 8.44 2.14 21.54
CA TRP A 84 8.60 2.26 23.00
C TRP A 84 7.29 2.48 23.72
N ARG A 85 6.54 3.49 23.30
CA ARG A 85 5.23 3.79 23.90
C ARG A 85 4.32 2.58 23.89
N SER A 86 4.29 1.88 22.76
CA SER A 86 3.43 0.69 22.59
C SER A 86 3.83 -0.45 23.50
N TYR A 87 5.12 -0.57 23.76
CA TYR A 87 5.68 -1.58 24.67
C TYR A 87 5.27 -1.28 26.12
N LYS A 88 5.48 -0.05 26.56
CA LYS A 88 5.11 0.35 27.91
C LYS A 88 3.59 0.39 28.16
N GLN A 89 2.83 0.96 27.22
CA GLN A 89 1.41 1.19 27.41
C GLN A 89 0.53 -0.06 27.26
N SER A 90 0.97 -1.02 26.45
CA SER A 90 0.14 -2.21 26.17
C SER A 90 0.93 -3.50 25.87
N ASN A 91 2.19 -3.52 26.27
CA ASN A 91 3.08 -4.67 26.02
C ASN A 91 3.15 -5.09 24.54
N GLY A 92 3.12 -4.10 23.66
CA GLY A 92 3.24 -4.33 22.21
C GLY A 92 2.01 -4.91 21.54
N ASN A 93 0.89 -4.98 22.26
CA ASN A 93 -0.36 -5.49 21.70
C ASN A 93 -1.14 -4.43 20.91
N MET A 94 -0.95 -3.16 21.26
CA MET A 94 -1.61 -2.05 20.57
C MET A 94 -0.61 -1.00 20.11
N LEU A 95 -0.95 -0.30 19.04
CA LEU A 95 -0.15 0.83 18.59
C LEU A 95 -0.58 2.10 19.31
N CYS A 96 0.28 2.55 20.22
CA CYS A 96 -0.04 3.68 21.09
C CYS A 96 0.60 4.94 20.56
N PHE A 97 -0.02 5.52 19.53
CA PHE A 97 0.47 6.75 18.90
C PHE A 97 0.43 7.91 19.87
N ALA A 98 -0.62 7.92 20.69
CA ALA A 98 -0.86 8.95 21.68
C ALA A 98 -1.89 8.39 22.66
N PRO A 99 -1.96 8.92 23.90
CA PRO A 99 -2.92 8.36 24.86
C PRO A 99 -4.38 8.55 24.45
N ASP A 100 -4.64 9.44 23.49
CA ASP A 100 -5.99 9.62 22.94
C ASP A 100 -6.14 8.99 21.54
N LEU A 101 -5.08 8.33 21.06
CA LEU A 101 -5.10 7.67 19.77
C LEU A 101 -4.37 6.33 19.85
N VAL A 102 -5.09 5.33 20.37
CA VAL A 102 -4.57 3.99 20.56
C VAL A 102 -5.32 3.06 19.60
N ILE A 103 -4.58 2.33 18.78
CA ILE A 103 -5.18 1.47 17.76
C ILE A 103 -5.29 0.02 18.23
N ASN A 104 -6.53 -0.45 18.30
CA ASN A 104 -6.85 -1.84 18.62
C ASN A 104 -6.30 -2.84 17.61
N GLU A 105 -6.21 -4.10 18.05
CA GLU A 105 -5.95 -5.23 17.16
C GLU A 105 -7.06 -5.29 16.12
N GLU A 106 -8.30 -5.05 16.55
CA GLU A 106 -9.46 -5.02 15.67
C GLU A 106 -9.45 -3.83 14.73
N ARG A 107 -8.94 -2.68 15.19
CA ARG A 107 -8.83 -1.50 14.33
C ARG A 107 -7.72 -1.61 13.28
N MET A 108 -6.81 -2.57 13.47
CA MET A 108 -5.76 -2.83 12.50
C MET A 108 -6.24 -3.72 11.35
N GLN A 109 -7.33 -4.44 11.58
CA GLN A 109 -7.87 -5.37 10.58
C GLN A 109 -8.57 -4.64 9.41
N LEU A 110 -8.27 -3.35 9.24
CA LEU A 110 -8.77 -2.57 8.12
C LEU A 110 -7.79 -2.55 6.96
N PRO A 111 -8.27 -2.79 5.72
CA PRO A 111 -7.44 -2.98 4.53
C PRO A 111 -6.47 -1.84 4.25
N TYR A 112 -6.89 -0.60 4.51
CA TYR A 112 -6.04 0.54 4.17
C TYR A 112 -4.87 0.74 5.14
N MET A 113 -4.92 0.08 6.29
CA MET A 113 -3.86 0.24 7.28
C MET A 113 -3.27 -1.03 7.91
N TYR A 114 -3.73 -2.20 7.49
CA TYR A 114 -3.22 -3.45 8.06
C TYR A 114 -1.71 -3.60 7.89
N ASP A 115 -1.23 -3.43 6.67
CA ASP A 115 0.16 -3.67 6.34
C ASP A 115 1.14 -2.78 7.11
N GLN A 116 0.92 -1.46 7.07
CA GLN A 116 1.79 -0.52 7.77
C GLN A 116 1.72 -0.67 9.30
N CYS A 117 0.56 -1.07 9.81
CA CYS A 117 0.40 -1.36 11.24
C CYS A 117 1.24 -2.57 11.68
N GLN A 118 1.23 -3.62 10.85
CA GLN A 118 2.02 -4.82 11.10
C GLN A 118 3.51 -4.51 11.14
N GLN A 119 3.96 -3.63 10.25
CA GLN A 119 5.34 -3.16 10.22
C GLN A 119 5.71 -2.43 11.52
N MET A 120 4.82 -1.56 11.99
CA MET A 120 5.05 -0.80 13.20
C MET A 120 5.00 -1.66 14.48
N LEU A 121 4.16 -2.69 14.47
CA LEU A 121 4.07 -3.62 15.60
C LEU A 121 5.34 -4.45 15.77
N LYS A 122 6.01 -4.72 14.65
CA LYS A 122 7.22 -5.53 14.65
C LYS A 122 8.32 -4.84 15.46
N ILE A 123 8.39 -3.52 15.36
CA ILE A 123 9.33 -2.71 16.12
C ILE A 123 9.09 -2.86 17.62
N SER A 124 7.84 -2.68 18.04
CA SER A 124 7.49 -2.79 19.46
C SER A 124 7.68 -4.21 20.00
N SER A 125 7.45 -5.21 19.15
CA SER A 125 7.66 -6.60 19.56
C SER A 125 9.15 -6.91 19.83
N GLU A 126 10.05 -6.14 19.22
CA GLU A 126 11.48 -6.25 19.49
C GLU A 126 11.84 -5.74 20.89
N PHE A 127 11.17 -4.66 21.32
CA PHE A 127 11.30 -4.16 22.67
C PHE A 127 10.80 -5.21 23.67
N VAL A 128 9.71 -5.89 23.31
CA VAL A 128 9.13 -6.93 24.17
C VAL A 128 10.07 -8.13 24.25
N ARG A 129 10.58 -8.57 23.11
CA ARG A 129 11.48 -9.72 23.05
C ARG A 129 12.78 -9.50 23.85
N LEU A 130 13.32 -8.30 23.79
CA LEU A 130 14.61 -8.00 24.42
C LEU A 130 14.47 -7.37 25.81
N GLN A 131 13.23 -7.09 26.21
CA GLN A 131 12.95 -6.45 27.51
C GLN A 131 13.84 -5.22 27.71
N VAL A 132 13.91 -4.40 26.67
CA VAL A 132 14.74 -3.20 26.65
C VAL A 132 14.38 -2.30 27.83
N SER A 133 15.41 -1.73 28.47
CA SER A 133 15.20 -0.80 29.56
C SER A 133 15.11 0.62 29.03
N TYR A 134 14.64 1.54 29.87
CA TYR A 134 14.43 2.92 29.49
C TYR A 134 15.73 3.61 29.06
N ASP A 135 16.79 3.41 29.84
CA ASP A 135 18.11 3.99 29.52
C ASP A 135 18.74 3.38 28.25
N GLU A 136 18.54 2.09 28.04
CA GLU A 136 18.96 1.43 26.80
C GLU A 136 18.26 2.06 25.59
N TYR A 137 16.95 2.25 25.71
CA TYR A 137 16.13 2.88 24.67
C TYR A 137 16.61 4.28 24.33
N LEU A 138 16.90 5.08 25.36
CA LEU A 138 17.32 6.46 25.16
C LEU A 138 18.66 6.55 24.46
N CYS A 139 19.59 5.65 24.81
CA CYS A 139 20.91 5.63 24.19
C CYS A 139 20.82 5.18 22.72
N MET A 140 20.06 4.13 22.47
CA MET A 140 19.81 3.65 21.11
C MET A 140 19.18 4.72 20.21
N LYS A 141 18.25 5.50 20.79
CA LYS A 141 17.56 6.55 20.05
C LYS A 141 18.52 7.65 19.60
N VAL A 142 19.47 8.01 20.45
CA VAL A 142 20.54 8.94 20.04
C VAL A 142 21.30 8.37 18.85
N LEU A 143 21.69 7.09 18.96
CA LEU A 143 22.44 6.40 17.92
C LEU A 143 21.67 6.30 16.59
N LEU A 144 20.34 6.18 16.66
CA LEU A 144 19.49 6.21 15.45
C LEU A 144 19.57 7.54 14.71
N LEU A 145 19.64 8.64 15.48
CA LEU A 145 19.85 9.97 14.91
C LEU A 145 21.17 10.04 14.16
N LEU A 146 22.08 9.13 14.52
CA LEU A 146 23.45 9.14 13.99
C LEU A 146 23.73 7.94 13.07
N SER A 147 22.67 7.31 12.58
CA SER A 147 22.78 6.04 11.84
C SER A 147 22.64 6.13 10.32
N THR A 148 22.21 7.28 9.80
CA THR A 148 22.01 7.45 8.36
C THR A 148 22.69 8.71 7.86
N VAL A 149 23.58 8.53 6.89
CA VAL A 149 24.45 9.60 6.40
C VAL A 149 24.47 9.64 4.86
N PRO A 150 25.00 10.74 4.28
CA PRO A 150 25.21 10.77 2.84
C PRO A 150 26.40 9.92 2.43
N LYS A 151 26.38 9.40 1.20
CA LYS A 151 27.53 8.67 0.65
C LYS A 151 28.74 9.59 0.43
N ASP A 152 28.48 10.81 -0.04
CA ASP A 152 29.54 11.81 -0.24
C ASP A 152 30.19 12.27 1.07
N GLY A 153 29.65 11.79 2.19
CA GLY A 153 30.21 12.07 3.50
C GLY A 153 29.54 13.22 4.23
N LEU A 154 30.25 13.75 5.22
CA LEU A 154 29.73 14.76 6.11
C LEU A 154 30.74 15.91 6.20
N LYS A 155 30.26 17.10 6.57
CA LYS A 155 31.12 18.28 6.66
C LYS A 155 32.04 18.26 7.87
N SER A 156 31.53 17.79 8.99
CA SER A 156 32.33 17.65 10.22
C SER A 156 32.37 16.18 10.66
N GLN A 157 33.06 15.36 9.87
CA GLN A 157 33.16 13.92 10.09
C GLN A 157 33.78 13.54 11.43
N ALA A 158 34.86 14.22 11.79
CA ALA A 158 35.61 13.90 13.01
C ALA A 158 34.77 14.12 14.27
N VAL A 159 34.06 15.25 14.32
CA VAL A 159 33.14 15.54 15.42
C VAL A 159 32.05 14.46 15.51
N PHE A 160 31.48 14.12 14.36
CA PHE A 160 30.46 13.08 14.24
C PHE A 160 30.96 11.72 14.74
N ASP A 161 32.19 11.36 14.40
CA ASP A 161 32.79 10.10 14.84
C ASP A 161 32.98 10.05 16.35
N GLU A 162 33.35 11.19 16.94
CA GLU A 162 33.50 11.29 18.39
C GLU A 162 32.16 11.26 19.12
N ILE A 163 31.12 11.84 18.51
CA ILE A 163 29.77 11.80 19.08
C ILE A 163 29.28 10.34 19.20
N ARG A 164 29.35 9.60 18.08
CA ARG A 164 28.97 8.21 18.05
C ARG A 164 29.70 7.40 19.13
N MET A 165 31.02 7.60 19.20
CA MET A 165 31.87 7.00 20.23
C MET A 165 31.36 7.27 21.64
N THR A 166 31.01 8.53 21.90
CA THR A 166 30.45 8.95 23.20
C THR A 166 29.18 8.16 23.55
N TYR A 167 28.26 8.04 22.59
CA TYR A 167 26.97 7.42 22.86
C TYR A 167 26.95 5.89 22.78
N ILE A 168 27.95 5.32 22.09
CA ILE A 168 28.18 3.88 22.14
C ILE A 168 28.61 3.47 23.56
N LYS A 169 29.49 4.27 24.18
CA LYS A 169 29.90 4.04 25.57
C LYS A 169 28.73 4.20 26.55
N GLU A 170 27.91 5.22 26.34
CA GLU A 170 26.72 5.45 27.18
C GLU A 170 25.74 4.29 27.13
N LEU A 171 25.60 3.69 25.94
CA LEU A 171 24.82 2.47 25.77
C LEU A 171 25.37 1.34 26.64
N GLY A 172 26.71 1.25 26.71
CA GLY A 172 27.39 0.33 27.61
C GLY A 172 26.98 0.52 29.06
N LYS A 173 27.00 1.77 29.52
CA LYS A 173 26.57 2.11 30.86
C LYS A 173 25.11 1.72 31.12
N ALA A 174 24.25 1.94 30.13
CA ALA A 174 22.83 1.56 30.21
C ALA A 174 22.67 0.04 30.37
N ILE A 175 23.48 -0.73 29.65
CA ILE A 175 23.51 -2.19 29.75
C ILE A 175 23.93 -2.63 31.16
N VAL A 176 24.94 -1.96 31.73
CA VAL A 176 25.43 -2.24 33.07
C VAL A 176 24.39 -1.86 34.12
N LYS A 177 23.82 -0.67 33.99
CA LYS A 177 22.79 -0.16 34.91
C LYS A 177 21.59 -1.11 35.02
N ARG A 178 21.31 -1.83 33.94
CA ARG A 178 20.20 -2.77 33.89
C ARG A 178 20.57 -4.16 34.44
N GLU A 179 21.71 -4.70 34.00
CA GLU A 179 22.09 -6.08 34.35
C GLU A 179 22.95 -6.21 35.61
N GLY A 180 23.72 -5.17 35.94
CA GLY A 180 24.57 -5.17 37.13
C GLY A 180 25.87 -5.94 36.98
N ASN A 181 26.63 -5.61 35.92
CA ASN A 181 27.96 -6.19 35.65
C ASN A 181 28.03 -7.72 35.53
N SER A 182 27.46 -8.24 34.44
CA SER A 182 27.61 -9.63 34.08
C SER A 182 28.84 -9.78 33.17
N SER A 183 29.29 -11.01 32.97
CA SER A 183 30.37 -11.29 32.04
C SER A 183 29.83 -11.48 30.61
N GLN A 184 28.51 -11.52 30.49
CA GLN A 184 27.85 -11.72 29.20
C GLN A 184 27.18 -10.43 28.69
N ASN A 185 27.69 -9.30 29.15
CA ASN A 185 27.23 -7.98 28.69
C ASN A 185 27.56 -7.74 27.22
N TRP A 186 28.59 -8.43 26.73
CA TRP A 186 28.97 -8.36 25.31
C TRP A 186 27.89 -8.93 24.43
N GLN A 187 27.15 -9.90 24.94
CA GLN A 187 26.03 -10.49 24.19
C GLN A 187 24.85 -9.52 24.14
N ARG A 188 24.64 -8.78 25.22
CA ARG A 188 23.62 -7.75 25.28
C ARG A 188 23.93 -6.63 24.28
N PHE A 189 25.16 -6.13 24.31
CA PHE A 189 25.60 -5.10 23.37
C PHE A 189 25.42 -5.55 21.93
N TYR A 190 25.78 -6.79 21.64
CA TYR A 190 25.61 -7.37 20.31
C TYR A 190 24.14 -7.40 19.89
N GLN A 191 23.25 -7.75 20.82
CA GLN A 191 21.82 -7.82 20.56
C GLN A 191 21.19 -6.44 20.30
N LEU A 192 21.68 -5.42 20.98
CA LEU A 192 21.16 -4.06 20.81
C LEU A 192 21.68 -3.41 19.53
N THR A 193 22.94 -3.69 19.18
CA THR A 193 23.51 -3.21 17.92
C THR A 193 22.83 -3.88 16.73
N LYS A 194 22.42 -5.14 16.90
CA LYS A 194 21.69 -5.89 15.88
C LYS A 194 20.30 -5.32 15.68
N LEU A 195 19.69 -4.86 16.77
CA LEU A 195 18.38 -4.20 16.72
C LEU A 195 18.45 -2.86 15.98
N LEU A 196 19.50 -2.09 16.28
CA LEU A 196 19.76 -0.81 15.62
C LEU A 196 19.93 -1.00 14.12
N ASP A 197 20.77 -1.95 13.73
CA ASP A 197 20.96 -2.33 12.33
C ASP A 197 19.63 -2.64 11.64
N SER A 198 18.79 -3.46 12.28
CA SER A 198 17.55 -3.91 11.66
C SER A 198 16.46 -2.82 11.58
N MET A 199 16.73 -1.66 12.17
CA MET A 199 15.83 -0.52 12.09
C MET A 199 15.74 0.08 10.69
N HIS A 200 16.83 0.00 9.92
CA HIS A 200 16.81 0.46 8.53
C HIS A 200 15.78 -0.29 7.73
N GLU A 201 15.80 -1.61 7.83
CA GLU A 201 14.88 -2.47 7.10
C GLU A 201 13.44 -2.31 7.62
N MET A 202 13.29 -2.32 8.94
CA MET A 202 11.97 -2.21 9.57
C MET A 202 11.26 -0.88 9.29
N VAL A 203 12.04 0.14 8.98
CA VAL A 203 11.52 1.48 8.71
C VAL A 203 11.44 1.79 7.21
N GLY A 204 12.25 1.08 6.42
CA GLY A 204 12.31 1.26 4.96
C GLY A 204 10.95 1.20 4.28
N GLY A 205 10.13 0.23 4.68
CA GLY A 205 8.77 0.08 4.15
C GLY A 205 7.81 1.16 4.62
N LEU A 206 8.11 1.80 5.75
CA LEU A 206 7.30 2.89 6.27
C LEU A 206 7.56 4.16 5.48
N LEU A 207 8.84 4.42 5.20
CA LEU A 207 9.24 5.55 4.36
C LEU A 207 8.69 5.42 2.95
N GLN A 208 8.71 4.19 2.43
CA GLN A 208 8.21 3.90 1.09
C GLN A 208 6.74 4.29 0.96
N PHE A 209 5.91 3.85 1.90
CA PHE A 209 4.49 4.19 1.91
C PHE A 209 4.27 5.68 2.13
N CYS A 210 5.11 6.27 2.97
CA CYS A 210 5.07 7.71 3.23
C CYS A 210 5.39 8.53 1.98
N PHE A 211 6.48 8.18 1.30
CA PHE A 211 6.86 8.87 0.06
C PHE A 211 5.77 8.74 -1.01
N TYR A 212 5.23 7.53 -1.16
CA TYR A 212 4.15 7.25 -2.10
C TYR A 212 2.93 8.14 -1.83
N THR A 213 2.49 8.15 -0.58
CA THR A 213 1.34 8.97 -0.16
C THR A 213 1.58 10.47 -0.39
N PHE A 214 2.82 10.91 -0.20
CA PHE A 214 3.19 12.32 -0.36
C PHE A 214 3.21 12.75 -1.83
N VAL A 215 3.63 11.86 -2.72
CA VAL A 215 3.79 12.18 -4.14
C VAL A 215 2.48 12.01 -4.92
N ASN A 216 1.81 10.88 -4.72
CA ASN A 216 0.57 10.57 -5.43
C ASN A 216 -0.67 10.99 -4.66
N LYS A 217 -0.47 11.79 -3.61
CA LYS A 217 -1.52 12.27 -2.72
C LYS A 217 -2.71 11.32 -2.60
N SER A 218 -2.41 10.07 -2.23
CA SER A 218 -3.42 9.02 -2.14
C SER A 218 -4.09 9.01 -0.77
N SER A 220 -6.47 11.96 -0.92
CA SER A 220 -6.13 13.26 -0.36
C SER A 220 -5.73 13.14 1.12
N VAL A 221 -4.42 13.20 1.36
CA VAL A 221 -3.87 13.15 2.71
C VAL A 221 -3.08 14.41 2.97
N GLU A 222 -3.31 15.04 4.12
CA GLU A 222 -2.63 16.28 4.48
C GLU A 222 -1.31 16.05 5.20
N PHE A 223 -0.29 16.75 4.74
CA PHE A 223 1.01 16.79 5.43
C PHE A 223 1.25 18.20 5.93
N PRO A 224 1.54 18.36 7.23
CA PRO A 224 1.94 19.68 7.75
C PRO A 224 3.25 20.13 7.13
N GLU A 225 3.53 21.43 7.20
CA GLU A 225 4.72 22.02 6.55
C GLU A 225 6.04 21.40 7.04
N MET A 226 6.11 21.09 8.33
CA MET A 226 7.28 20.45 8.93
C MET A 226 7.64 19.14 8.24
N LEU A 227 6.63 18.29 8.02
CA LEU A 227 6.85 17.00 7.37
C LEU A 227 7.06 17.16 5.88
N ALA A 228 6.26 18.01 5.25
CA ALA A 228 6.36 18.28 3.81
C ALA A 228 7.76 18.78 3.43
N GLU A 229 8.33 19.65 4.25
CA GLU A 229 9.66 20.20 4.00
C GLU A 229 10.74 19.12 4.06
N ILE A 230 10.68 18.26 5.06
CA ILE A 230 11.66 17.19 5.21
C ILE A 230 11.50 16.11 4.13
N ILE A 231 10.27 15.66 3.90
CA ILE A 231 9.98 14.62 2.91
C ILE A 231 10.42 15.01 1.51
N SER A 232 10.04 16.22 1.07
CA SER A 232 10.36 16.66 -0.29
C SER A 232 11.86 16.90 -0.50
N ASN A 233 12.57 17.15 0.60
CA ASN A 233 14.01 17.31 0.59
C ASN A 233 14.69 15.94 0.62
N GLN A 234 14.09 15.03 1.39
CA GLN A 234 14.60 13.67 1.59
C GLN A 234 14.33 12.77 0.37
N LEU A 235 13.22 13.03 -0.31
CA LEU A 235 12.72 12.22 -1.43
C LEU A 235 13.71 11.96 -2.59
N PRO A 236 14.28 13.05 -3.20
CA PRO A 236 15.15 12.82 -4.36
C PRO A 236 16.46 12.09 -4.03
N LYS A 237 16.91 12.22 -2.78
CA LYS A 237 18.16 11.60 -2.33
C LYS A 237 18.06 10.08 -2.19
N PHE A 238 16.91 9.60 -1.71
CA PHE A 238 16.66 8.17 -1.59
C PHE A 238 16.53 7.52 -2.97
N LYS A 239 15.83 8.19 -3.87
CA LYS A 239 15.69 7.75 -5.26
C LYS A 239 17.01 7.71 -6.02
N ALA A 240 17.92 8.63 -5.68
CA ALA A 240 19.24 8.67 -6.28
C ALA A 240 20.19 7.64 -5.65
N GLY A 241 19.72 6.96 -4.61
CA GLY A 241 20.53 6.00 -3.85
C GLY A 241 21.73 6.67 -3.21
N SER A 242 21.55 7.91 -2.79
CA SER A 242 22.63 8.75 -2.26
C SER A 242 22.78 8.65 -0.73
N VAL A 243 21.97 7.79 -0.10
CA VAL A 243 21.99 7.66 1.36
C VAL A 243 22.70 6.39 1.83
N LYS A 244 23.51 6.56 2.88
CA LYS A 244 24.30 5.47 3.43
C LYS A 244 23.78 5.11 4.83
N PRO A 245 23.13 3.93 4.96
CA PRO A 245 22.78 3.44 6.29
C PRO A 245 24.00 2.84 7.00
N LEU A 246 24.35 3.38 8.16
CA LEU A 246 25.45 2.83 8.97
C LEU A 246 25.03 1.57 9.71
N LEU A 247 25.82 0.51 9.57
CA LEU A 247 25.52 -0.80 10.15
C LEU A 247 26.69 -1.31 11.00
N PHE A 248 26.38 -1.83 12.19
CA PHE A 248 27.39 -2.35 13.11
C PHE A 248 27.95 -3.69 12.67
N HIS A 249 27.13 -4.47 11.96
CA HIS A 249 27.52 -5.79 11.48
C HIS A 249 27.29 -5.90 9.99
N GLN A 250 28.34 -6.30 9.27
CA GLN A 250 28.30 -6.40 7.82
C GLN A 250 27.34 -7.50 7.34
N PRO B 4 -17.91 -12.54 -41.07
CA PRO B 4 -17.20 -12.70 -39.80
C PRO B 4 -16.63 -11.37 -39.27
N THR B 5 -17.52 -10.50 -38.79
CA THR B 5 -17.12 -9.23 -38.18
C THR B 5 -16.41 -9.45 -36.84
N LEU B 6 -15.66 -8.44 -36.39
CA LEU B 6 -14.91 -8.53 -35.15
C LEU B 6 -15.82 -8.58 -33.91
N ILE B 7 -16.92 -7.84 -33.95
CA ILE B 7 -17.87 -7.81 -32.85
C ILE B 7 -18.61 -9.15 -32.69
N SER B 8 -18.98 -9.77 -33.81
CA SER B 8 -19.65 -11.08 -33.77
C SER B 8 -18.72 -12.12 -33.16
N LEU B 9 -17.42 -12.00 -33.44
CA LEU B 9 -16.41 -12.87 -32.85
C LEU B 9 -16.30 -12.67 -31.35
N LEU B 10 -16.34 -11.42 -30.90
CA LEU B 10 -16.35 -11.08 -29.47
C LEU B 10 -17.57 -11.67 -28.78
N GLU B 11 -18.71 -11.64 -29.47
CA GLU B 11 -19.95 -12.22 -28.96
C GLU B 11 -19.84 -13.72 -28.79
N VAL B 12 -19.11 -14.36 -29.71
CA VAL B 12 -18.96 -15.81 -29.72
C VAL B 12 -17.96 -16.30 -28.67
N ILE B 13 -16.81 -15.64 -28.59
CA ILE B 13 -15.76 -16.05 -27.65
C ILE B 13 -15.99 -15.60 -26.20
N GLU B 14 -17.09 -14.89 -25.94
CA GLU B 14 -17.43 -14.47 -24.59
C GLU B 14 -17.77 -15.69 -23.73
N PRO B 15 -17.02 -15.89 -22.63
CA PRO B 15 -17.20 -17.07 -21.77
C PRO B 15 -18.62 -17.20 -21.22
N GLU B 16 -19.07 -18.44 -21.10
CA GLU B 16 -20.35 -18.78 -20.50
C GLU B 16 -20.32 -18.46 -19.01
N VAL B 17 -21.44 -17.96 -18.49
CA VAL B 17 -21.59 -17.64 -17.08
C VAL B 17 -21.42 -18.90 -16.22
N LEU B 18 -20.47 -18.85 -15.28
CA LEU B 18 -20.16 -20.00 -14.44
C LEU B 18 -21.01 -20.05 -13.16
N TYR B 19 -21.23 -21.27 -12.69
CA TYR B 19 -21.92 -21.51 -11.42
C TYR B 19 -20.91 -21.72 -10.31
N SER B 20 -21.21 -21.18 -9.13
CA SER B 20 -20.28 -21.22 -8.01
C SER B 20 -20.36 -22.55 -7.28
N GLY B 21 -21.54 -23.15 -7.26
CA GLY B 21 -21.80 -24.35 -6.47
C GLY B 21 -21.98 -24.00 -5.00
N TYR B 22 -22.34 -22.75 -4.74
CA TYR B 22 -22.53 -22.30 -3.36
C TYR B 22 -23.65 -23.07 -2.70
N ASP B 23 -23.34 -23.62 -1.53
CA ASP B 23 -24.27 -24.45 -0.79
C ASP B 23 -24.86 -23.64 0.37
N SER B 24 -26.06 -23.10 0.17
CA SER B 24 -26.68 -22.27 1.19
C SER B 24 -27.34 -23.06 2.34
N THR B 25 -27.17 -24.39 2.33
CA THR B 25 -27.66 -25.24 3.42
C THR B 25 -26.67 -25.26 4.59
N LEU B 26 -25.42 -24.94 4.30
CA LEU B 26 -24.39 -24.77 5.34
C LEU B 26 -24.53 -23.40 6.01
N PRO B 27 -23.87 -23.20 7.17
CA PRO B 27 -23.99 -21.89 7.83
C PRO B 27 -23.27 -20.81 7.04
N ASP B 28 -23.88 -19.64 6.93
CA ASP B 28 -23.29 -18.53 6.21
C ASP B 28 -22.31 -17.73 7.06
N THR B 29 -21.02 -17.96 6.83
CA THR B 29 -19.97 -17.16 7.43
C THR B 29 -19.31 -16.31 6.35
N SER B 30 -18.58 -15.28 6.77
CA SER B 30 -17.79 -14.48 5.85
C SER B 30 -16.71 -15.33 5.18
N THR B 31 -16.10 -16.22 5.96
CA THR B 31 -15.01 -17.08 5.50
C THR B 31 -15.39 -17.98 4.31
N ARG B 32 -16.52 -18.66 4.42
CA ARG B 32 -16.97 -19.55 3.35
CA ARG B 32 -17.01 -19.54 3.35
C ARG B 32 -17.36 -18.74 2.11
N LEU B 33 -18.02 -17.61 2.31
CA LEU B 33 -18.41 -16.75 1.21
C LEU B 33 -17.21 -16.28 0.38
N MET B 34 -16.19 -15.75 1.05
N MET B 34 -16.20 -15.73 1.05
CA MET B 34 -14.98 -15.26 0.39
CA MET B 34 -14.98 -15.27 0.37
C MET B 34 -14.18 -16.38 -0.28
C MET B 34 -14.28 -16.42 -0.35
N SER B 35 -14.19 -17.57 0.33
CA SER B 35 -13.53 -18.76 -0.23
C SER B 35 -14.24 -19.28 -1.47
N THR B 36 -15.57 -19.31 -1.41
CA THR B 36 -16.39 -19.70 -2.55
C THR B 36 -16.21 -18.73 -3.71
N LEU B 37 -16.20 -17.43 -3.41
CA LEU B 37 -16.00 -16.40 -4.44
C LEU B 37 -14.62 -16.47 -5.08
N ASN B 38 -13.59 -16.72 -4.29
CA ASN B 38 -12.24 -16.91 -4.82
C ASN B 38 -12.11 -18.12 -5.74
N ARG B 39 -12.74 -19.24 -5.36
CA ARG B 39 -12.72 -20.45 -6.20
C ARG B 39 -13.42 -20.20 -7.53
N LEU B 40 -14.58 -19.54 -7.47
CA LEU B 40 -15.26 -19.06 -8.67
C LEU B 40 -14.32 -18.12 -9.45
N GLY B 41 -13.72 -17.16 -8.74
CA GLY B 41 -12.80 -16.19 -9.36
C GLY B 41 -11.68 -16.85 -10.11
N GLY B 42 -11.05 -17.84 -9.47
CA GLY B 42 -9.97 -18.62 -10.07
C GLY B 42 -10.38 -19.31 -11.35
N ARG B 43 -11.62 -19.80 -11.40
CA ARG B 43 -12.13 -20.45 -12.61
C ARG B 43 -12.40 -19.42 -13.70
N GLN B 44 -13.03 -18.31 -13.32
CA GLN B 44 -13.31 -17.19 -14.24
C GLN B 44 -12.04 -16.63 -14.89
N VAL B 45 -10.97 -16.55 -14.10
CA VAL B 45 -9.67 -16.07 -14.60
C VAL B 45 -9.08 -17.05 -15.62
N VAL B 46 -9.24 -18.34 -15.36
CA VAL B 46 -8.81 -19.38 -16.29
C VAL B 46 -9.49 -19.19 -17.64
N SER B 47 -10.81 -19.00 -17.63
CA SER B 47 -11.55 -18.79 -18.87
C SER B 47 -11.21 -17.47 -19.55
N ALA B 48 -10.77 -16.48 -18.76
CA ALA B 48 -10.33 -15.18 -19.28
C ALA B 48 -9.01 -15.26 -20.03
N VAL B 49 -8.12 -16.14 -19.58
CA VAL B 49 -6.87 -16.40 -20.29
C VAL B 49 -7.19 -16.99 -21.67
N LYS B 50 -8.10 -17.96 -21.69
CA LYS B 50 -8.56 -18.59 -22.93
C LYS B 50 -9.26 -17.59 -23.86
N TRP B 51 -9.99 -16.66 -23.26
CA TRP B 51 -10.70 -15.61 -24.00
C TRP B 51 -9.73 -14.64 -24.64
N ALA B 52 -8.68 -14.28 -23.91
CA ALA B 52 -7.66 -13.35 -24.40
C ALA B 52 -6.88 -13.93 -25.58
N LYS B 53 -6.54 -15.22 -25.50
CA LYS B 53 -5.89 -15.94 -26.60
C LYS B 53 -6.72 -15.91 -27.90
N ALA B 54 -8.04 -15.88 -27.73
CA ALA B 54 -8.98 -15.87 -28.86
C ALA B 54 -9.21 -14.47 -29.46
N LEU B 55 -8.68 -13.44 -28.82
CA LEU B 55 -8.81 -12.06 -29.31
C LEU B 55 -7.81 -11.78 -30.44
N PRO B 56 -8.33 -11.43 -31.63
CA PRO B 56 -7.44 -11.10 -32.75
C PRO B 56 -6.42 -10.03 -32.35
N GLY B 57 -5.15 -10.37 -32.49
CA GLY B 57 -4.08 -9.43 -32.19
C GLY B 57 -3.33 -9.77 -30.92
N PHE B 58 -4.03 -10.33 -29.93
CA PHE B 58 -3.42 -10.59 -28.63
C PHE B 58 -2.20 -11.51 -28.68
N ARG B 59 -2.26 -12.55 -29.51
CA ARG B 59 -1.13 -13.47 -29.67
C ARG B 59 0.03 -12.87 -30.47
N ASN B 60 -0.22 -11.75 -31.16
CA ASN B 60 0.86 -11.01 -31.84
C ASN B 60 1.82 -10.38 -30.83
N LEU B 61 1.31 -10.10 -29.64
CA LEU B 61 2.11 -9.54 -28.54
C LEU B 61 3.13 -10.55 -28.03
N HIS B 62 4.23 -10.04 -27.48
CA HIS B 62 5.24 -10.87 -26.83
C HIS B 62 4.64 -11.56 -25.64
N LEU B 63 5.03 -12.81 -25.42
CA LEU B 63 4.49 -13.64 -24.35
C LEU B 63 4.58 -12.99 -22.96
N ASP B 64 5.65 -12.22 -22.75
CA ASP B 64 5.84 -11.48 -21.50
C ASP B 64 4.81 -10.37 -21.33
N ASP B 65 4.45 -9.72 -22.44
CA ASP B 65 3.42 -8.68 -22.44
C ASP B 65 2.04 -9.30 -22.22
N GLN B 66 1.80 -10.47 -22.82
CA GLN B 66 0.55 -11.21 -22.65
C GLN B 66 0.30 -11.54 -21.18
N MET B 67 1.34 -12.00 -20.48
CA MET B 67 1.27 -12.30 -19.06
C MET B 67 1.03 -11.04 -18.25
N THR B 68 1.78 -9.98 -18.56
CA THR B 68 1.70 -8.71 -17.87
C THR B 68 0.30 -8.10 -17.93
N LEU B 69 -0.31 -8.11 -19.11
CA LEU B 69 -1.63 -7.51 -19.30
C LEU B 69 -2.71 -8.25 -18.51
N LEU B 70 -2.67 -9.58 -18.55
CA LEU B 70 -3.60 -10.42 -17.80
C LEU B 70 -3.39 -10.29 -16.28
N GLN B 71 -2.13 -10.26 -15.85
CA GLN B 71 -1.80 -10.07 -14.43
C GLN B 71 -2.24 -8.70 -13.92
N TYR B 72 -2.13 -7.69 -14.78
CA TYR B 72 -2.42 -6.31 -14.40
C TYR B 72 -3.91 -5.97 -14.45
N SER B 73 -4.69 -6.72 -15.22
CA SER B 73 -6.08 -6.33 -15.48
C SER B 73 -7.15 -7.31 -14.98
N TRP B 74 -6.72 -8.46 -14.44
CA TRP B 74 -7.67 -9.53 -14.10
C TRP B 74 -8.83 -9.07 -13.24
N MET B 75 -8.53 -8.28 -12.20
CA MET B 75 -9.58 -7.79 -11.30
C MET B 75 -10.55 -6.85 -12.01
N SER B 76 -10.04 -6.04 -12.94
CA SER B 76 -10.87 -5.18 -13.77
C SER B 76 -11.83 -5.98 -14.64
N LEU B 77 -11.31 -7.02 -15.30
CA LEU B 77 -12.14 -7.90 -16.12
C LEU B 77 -13.25 -8.56 -15.30
N MET B 78 -12.89 -9.12 -14.14
CA MET B 78 -13.85 -9.79 -13.26
C MET B 78 -14.92 -8.83 -12.77
N ALA B 79 -14.50 -7.65 -12.31
CA ALA B 79 -15.39 -6.67 -11.72
C ALA B 79 -16.36 -6.10 -12.74
N PHE B 80 -15.88 -5.91 -13.97
CA PHE B 80 -16.69 -5.37 -15.06
C PHE B 80 -17.77 -6.38 -15.47
N SER B 81 -17.38 -7.65 -15.54
CA SER B 81 -18.32 -8.74 -15.85
C SER B 81 -19.36 -8.89 -14.77
N LEU B 82 -18.91 -8.88 -13.51
CA LEU B 82 -19.82 -8.85 -12.36
C LEU B 82 -20.82 -7.70 -12.48
N GLY B 83 -20.32 -6.52 -12.83
CA GLY B 83 -21.16 -5.35 -13.06
C GLY B 83 -22.19 -5.58 -14.15
N TRP B 84 -21.76 -6.24 -15.22
CA TRP B 84 -22.65 -6.56 -16.34
C TRP B 84 -23.73 -7.53 -15.94
N ARG B 85 -23.33 -8.67 -15.38
CA ARG B 85 -24.25 -9.68 -14.87
C ARG B 85 -25.30 -9.06 -13.95
N SER B 86 -24.86 -8.25 -13.00
CA SER B 86 -25.74 -7.62 -12.03
C SER B 86 -26.73 -6.67 -12.69
N TYR B 87 -26.29 -6.04 -13.78
CA TYR B 87 -27.12 -5.10 -14.54
C TYR B 87 -28.21 -5.84 -15.34
N LYS B 88 -27.85 -6.89 -16.05
CA LYS B 88 -28.82 -7.67 -16.82
C LYS B 88 -29.78 -8.50 -15.95
N GLN B 89 -29.25 -9.08 -14.88
CA GLN B 89 -30.03 -10.00 -14.04
C GLN B 89 -30.89 -9.30 -12.99
N SER B 90 -30.50 -8.10 -12.58
CA SER B 90 -31.11 -7.44 -11.41
C SER B 90 -31.30 -5.93 -11.54
N ASN B 91 -30.93 -5.38 -12.70
CA ASN B 91 -30.91 -3.91 -12.93
C ASN B 91 -30.08 -3.17 -11.89
N GLY B 92 -28.98 -3.79 -11.46
CA GLY B 92 -28.06 -3.18 -10.51
C GLY B 92 -28.51 -3.17 -9.05
N ASN B 93 -29.61 -3.86 -8.77
CA ASN B 93 -30.13 -3.93 -7.40
C ASN B 93 -29.39 -4.92 -6.50
N MET B 94 -28.86 -5.97 -7.12
CA MET B 94 -28.18 -7.06 -6.39
C MET B 94 -26.85 -7.38 -7.06
N LEU B 95 -25.90 -7.90 -6.28
CA LEU B 95 -24.65 -8.42 -6.83
C LEU B 95 -24.84 -9.86 -7.29
N CYS B 96 -24.72 -10.06 -8.59
CA CYS B 96 -24.97 -11.38 -9.19
C CYS B 96 -23.67 -12.07 -9.59
N PHE B 97 -22.98 -12.62 -8.58
CA PHE B 97 -21.71 -13.32 -8.78
C PHE B 97 -21.89 -14.55 -9.66
N ALA B 98 -22.97 -15.28 -9.43
CA ALA B 98 -23.33 -16.44 -10.23
C ALA B 98 -24.84 -16.66 -10.07
N PRO B 99 -25.47 -17.46 -10.96
CA PRO B 99 -26.91 -17.67 -10.79
C PRO B 99 -27.27 -18.45 -9.51
N ASP B 100 -26.26 -19.06 -8.88
CA ASP B 100 -26.46 -19.75 -7.60
C ASP B 100 -25.81 -19.00 -6.44
N LEU B 101 -25.37 -17.76 -6.71
CA LEU B 101 -24.76 -16.91 -5.69
C LEU B 101 -25.07 -15.43 -5.97
N VAL B 102 -26.26 -15.03 -5.54
CA VAL B 102 -26.75 -13.68 -5.68
C VAL B 102 -26.89 -13.09 -4.29
N ILE B 103 -26.34 -11.90 -4.09
CA ILE B 103 -26.42 -11.24 -2.79
C ILE B 103 -27.45 -10.11 -2.78
N ASN B 104 -28.44 -10.25 -1.90
CA ASN B 104 -29.52 -9.28 -1.70
C ASN B 104 -29.04 -7.92 -1.19
N GLU B 105 -29.93 -6.93 -1.26
CA GLU B 105 -29.70 -5.64 -0.62
C GLU B 105 -29.63 -5.76 0.91
N GLU B 106 -30.42 -6.67 1.48
CA GLU B 106 -30.38 -6.96 2.92
C GLU B 106 -29.03 -7.57 3.30
N ARG B 107 -28.66 -8.63 2.60
CA ARG B 107 -27.37 -9.30 2.79
C ARG B 107 -26.17 -8.36 2.56
N MET B 108 -26.34 -7.39 1.67
CA MET B 108 -25.30 -6.39 1.40
C MET B 108 -25.10 -5.39 2.53
N GLN B 109 -26.12 -5.23 3.38
CA GLN B 109 -26.04 -4.32 4.53
C GLN B 109 -25.20 -4.87 5.67
N LEU B 110 -24.91 -6.17 5.63
CA LEU B 110 -24.12 -6.83 6.68
C LEU B 110 -22.75 -6.18 6.85
N PRO B 111 -22.42 -5.74 8.08
CA PRO B 111 -21.20 -4.99 8.42
C PRO B 111 -19.91 -5.48 7.75
N TYR B 112 -19.68 -6.79 7.75
CA TYR B 112 -18.41 -7.36 7.29
C TYR B 112 -18.18 -7.29 5.76
N MET B 113 -19.20 -6.90 5.02
CA MET B 113 -19.10 -6.78 3.56
C MET B 113 -19.80 -5.53 2.99
N TYR B 114 -20.14 -4.59 3.88
CA TYR B 114 -20.84 -3.37 3.47
C TYR B 114 -20.06 -2.56 2.43
N ASP B 115 -18.80 -2.25 2.75
CA ASP B 115 -17.96 -1.39 1.92
C ASP B 115 -17.59 -2.04 0.59
N GLN B 116 -17.22 -3.32 0.64
CA GLN B 116 -16.88 -4.09 -0.56
C GLN B 116 -18.06 -4.15 -1.53
N CYS B 117 -19.26 -4.38 -1.00
CA CYS B 117 -20.45 -4.52 -1.84
C CYS B 117 -20.89 -3.22 -2.50
N GLN B 118 -20.78 -2.11 -1.77
CA GLN B 118 -21.07 -0.79 -2.33
C GLN B 118 -20.10 -0.46 -3.47
N GLN B 119 -18.82 -0.77 -3.26
CA GLN B 119 -17.79 -0.58 -4.27
C GLN B 119 -18.06 -1.40 -5.54
N MET B 120 -18.45 -2.65 -5.36
CA MET B 120 -18.77 -3.53 -6.48
C MET B 120 -20.07 -3.09 -7.16
N LEU B 121 -20.98 -2.50 -6.39
CA LEU B 121 -22.27 -2.04 -6.92
C LEU B 121 -22.13 -0.79 -7.78
N LYS B 122 -21.15 0.06 -7.46
CA LYS B 122 -20.87 1.28 -8.24
C LYS B 122 -20.76 0.98 -9.73
N ILE B 123 -20.06 -0.12 -10.03
CA ILE B 123 -19.81 -0.53 -11.41
C ILE B 123 -21.11 -0.86 -12.16
N SER B 124 -21.98 -1.66 -11.55
CA SER B 124 -23.27 -1.99 -12.16
C SER B 124 -24.20 -0.79 -12.32
N SER B 125 -24.18 0.12 -11.35
CA SER B 125 -25.01 1.32 -11.40
C SER B 125 -24.62 2.25 -12.56
N GLU B 126 -23.33 2.25 -12.91
CA GLU B 126 -22.85 2.98 -14.08
C GLU B 126 -23.39 2.39 -15.38
N PHE B 127 -23.46 1.06 -15.46
CA PHE B 127 -24.11 0.39 -16.60
C PHE B 127 -25.56 0.83 -16.71
N VAL B 128 -26.22 0.97 -15.56
CA VAL B 128 -27.61 1.40 -15.49
C VAL B 128 -27.73 2.84 -15.98
N ARG B 129 -26.93 3.73 -15.39
CA ARG B 129 -26.92 5.15 -15.74
C ARG B 129 -26.73 5.39 -17.24
N LEU B 130 -25.80 4.66 -17.86
CA LEU B 130 -25.44 4.87 -19.25
C LEU B 130 -26.18 3.97 -20.24
N GLN B 131 -26.97 3.04 -19.72
CA GLN B 131 -27.70 2.06 -20.54
C GLN B 131 -26.81 1.39 -21.58
N VAL B 132 -25.70 0.84 -21.09
CA VAL B 132 -24.70 0.21 -21.94
C VAL B 132 -25.30 -0.98 -22.68
N SER B 133 -24.96 -1.12 -23.95
CA SER B 133 -25.39 -2.24 -24.75
C SER B 133 -24.36 -3.36 -24.66
N TYR B 134 -24.78 -4.57 -25.04
CA TYR B 134 -23.92 -5.74 -24.98
C TYR B 134 -22.61 -5.55 -25.74
N ASP B 135 -22.70 -4.97 -26.94
CA ASP B 135 -21.53 -4.78 -27.79
C ASP B 135 -20.59 -3.69 -27.29
N GLU B 136 -21.16 -2.62 -26.72
CA GLU B 136 -20.34 -1.58 -26.10
C GLU B 136 -19.53 -2.19 -24.96
N TYR B 137 -20.22 -2.95 -24.11
CA TYR B 137 -19.63 -3.69 -23.01
C TYR B 137 -18.47 -4.59 -23.45
N LEU B 138 -18.67 -5.34 -24.53
CA LEU B 138 -17.65 -6.27 -25.02
C LEU B 138 -16.39 -5.56 -25.50
N CYS B 139 -16.57 -4.45 -26.20
CA CYS B 139 -15.44 -3.66 -26.70
C CYS B 139 -14.68 -3.02 -25.54
N MET B 140 -15.43 -2.51 -24.56
CA MET B 140 -14.85 -1.90 -23.37
C MET B 140 -14.03 -2.90 -22.56
N LYS B 141 -14.53 -4.13 -22.45
CA LYS B 141 -13.86 -5.19 -21.71
C LYS B 141 -12.50 -5.54 -22.31
N VAL B 142 -12.41 -5.54 -23.64
CA VAL B 142 -11.14 -5.73 -24.34
C VAL B 142 -10.20 -4.56 -24.00
N LEU B 143 -10.73 -3.35 -24.05
CA LEU B 143 -9.94 -2.17 -23.71
C LEU B 143 -9.41 -2.19 -22.26
N LEU B 144 -10.19 -2.76 -21.35
CA LEU B 144 -9.73 -2.95 -19.96
C LEU B 144 -8.52 -3.87 -19.87
N LEU B 145 -8.53 -4.95 -20.65
CA LEU B 145 -7.39 -5.85 -20.74
C LEU B 145 -6.11 -5.07 -21.10
N LEU B 146 -6.29 -4.01 -21.89
CA LEU B 146 -5.18 -3.22 -22.42
C LEU B 146 -5.03 -1.87 -21.74
N SER B 147 -5.49 -1.77 -20.50
CA SER B 147 -5.55 -0.48 -19.81
C SER B 147 -4.50 -0.26 -18.71
N THR B 148 -3.79 -1.32 -18.34
CA THR B 148 -2.78 -1.24 -17.28
C THR B 148 -1.47 -1.86 -17.75
N VAL B 149 -0.41 -1.06 -17.73
CA VAL B 149 0.90 -1.47 -18.21
C VAL B 149 1.98 -1.11 -17.17
N PRO B 150 3.19 -1.71 -17.29
CA PRO B 150 4.27 -1.31 -16.39
C PRO B 150 4.78 0.08 -16.75
N LYS B 151 5.29 0.82 -15.77
CA LYS B 151 5.85 2.14 -16.02
C LYS B 151 7.03 2.13 -17.02
N ASP B 152 7.71 1.00 -17.11
CA ASP B 152 8.87 0.84 -18.01
C ASP B 152 8.51 0.23 -19.37
N GLY B 153 7.24 0.33 -19.75
CA GLY B 153 6.79 -0.08 -21.08
C GLY B 153 6.70 -1.59 -21.30
N LEU B 154 6.44 -1.95 -22.56
CA LEU B 154 6.25 -3.34 -22.95
C LEU B 154 7.31 -3.81 -23.93
N LYS B 155 7.39 -5.12 -24.15
CA LYS B 155 8.32 -5.71 -25.12
C LYS B 155 7.89 -5.48 -26.57
N SER B 156 6.58 -5.42 -26.80
CA SER B 156 6.04 -5.15 -28.13
C SER B 156 5.04 -3.99 -28.11
N GLN B 157 5.56 -2.80 -27.82
CA GLN B 157 4.75 -1.57 -27.72
C GLN B 157 3.98 -1.23 -29.01
N ALA B 158 4.63 -1.42 -30.16
CA ALA B 158 4.03 -1.05 -31.44
C ALA B 158 2.82 -1.93 -31.77
N VAL B 159 2.95 -3.23 -31.53
CA VAL B 159 1.84 -4.17 -31.68
C VAL B 159 0.71 -3.80 -30.72
N PHE B 160 1.08 -3.47 -29.48
CA PHE B 160 0.14 -3.04 -28.46
C PHE B 160 -0.64 -1.80 -28.89
N ASP B 161 0.09 -0.82 -29.46
CA ASP B 161 -0.51 0.42 -29.95
C ASP B 161 -1.57 0.17 -31.03
N GLU B 162 -1.26 -0.71 -31.98
CA GLU B 162 -2.16 -1.06 -33.06
C GLU B 162 -3.41 -1.80 -32.58
N ILE B 163 -3.23 -2.73 -31.65
CA ILE B 163 -4.34 -3.46 -31.04
C ILE B 163 -5.30 -2.50 -30.34
N ARG B 164 -4.76 -1.57 -29.57
CA ARG B 164 -5.56 -0.51 -28.93
C ARG B 164 -6.37 0.28 -29.95
N MET B 165 -5.73 0.68 -31.05
CA MET B 165 -6.41 1.42 -32.14
C MET B 165 -7.56 0.62 -32.73
N THR B 166 -7.33 -0.67 -32.95
CA THR B 166 -8.34 -1.57 -33.49
C THR B 166 -9.61 -1.58 -32.63
N TYR B 167 -9.44 -1.75 -31.32
CA TYR B 167 -10.59 -1.90 -30.42
C TYR B 167 -11.24 -0.59 -30.03
N ILE B 168 -10.47 0.50 -30.11
CA ILE B 168 -11.05 1.85 -30.03
C ILE B 168 -12.02 2.07 -31.20
N LYS B 169 -11.63 1.60 -32.38
CA LYS B 169 -12.50 1.66 -33.56
C LYS B 169 -13.70 0.70 -33.45
N GLU B 170 -13.46 -0.48 -32.90
CA GLU B 170 -14.56 -1.43 -32.61
C GLU B 170 -15.60 -0.86 -31.65
N LEU B 171 -15.12 -0.16 -30.62
CA LEU B 171 -16.01 0.52 -29.68
C LEU B 171 -16.91 1.53 -30.39
N GLY B 172 -16.32 2.25 -31.34
CA GLY B 172 -17.07 3.19 -32.18
C GLY B 172 -18.17 2.52 -32.98
N LYS B 173 -17.85 1.40 -33.62
CA LYS B 173 -18.84 0.59 -34.33
C LYS B 173 -19.95 0.10 -33.40
N ALA B 174 -19.59 -0.27 -32.17
CA ALA B 174 -20.56 -0.64 -31.15
C ALA B 174 -21.48 0.52 -30.79
N ILE B 175 -20.91 1.72 -30.69
CA ILE B 175 -21.69 2.94 -30.44
C ILE B 175 -22.71 3.20 -31.55
N VAL B 176 -22.26 3.07 -32.80
CA VAL B 176 -23.11 3.28 -33.98
C VAL B 176 -24.24 2.24 -34.07
N LYS B 177 -23.94 0.99 -33.73
CA LYS B 177 -24.93 -0.08 -33.75
C LYS B 177 -26.06 0.15 -32.74
N ARG B 178 -25.72 0.70 -31.59
CA ARG B 178 -26.72 1.00 -30.56
C ARG B 178 -27.57 2.21 -30.93
N GLU B 179 -26.90 3.27 -31.39
CA GLU B 179 -27.54 4.57 -31.59
C GLU B 179 -28.08 4.77 -33.01
N GLY B 180 -27.48 4.08 -33.97
CA GLY B 180 -27.72 4.35 -35.40
C GLY B 180 -26.81 5.48 -35.85
N ASN B 181 -27.08 6.04 -37.02
CA ASN B 181 -26.34 7.18 -37.52
C ASN B 181 -26.79 8.47 -36.82
N SER B 182 -26.03 8.87 -35.80
CA SER B 182 -26.37 10.03 -34.98
C SER B 182 -25.27 11.09 -34.97
N SER B 183 -25.67 12.32 -34.65
CA SER B 183 -24.77 13.47 -34.68
C SER B 183 -24.02 13.67 -33.36
N GLN B 184 -24.54 13.09 -32.28
CA GLN B 184 -23.93 13.27 -30.96
C GLN B 184 -23.18 12.02 -30.46
N ASN B 185 -22.78 11.17 -31.40
CA ASN B 185 -22.02 9.96 -31.08
C ASN B 185 -20.65 10.24 -30.45
N TRP B 186 -20.13 11.43 -30.69
CA TRP B 186 -18.88 11.88 -30.04
C TRP B 186 -19.07 12.02 -28.55
N GLN B 187 -20.29 12.37 -28.13
CA GLN B 187 -20.61 12.53 -26.71
C GLN B 187 -20.66 11.15 -26.04
N ARG B 188 -21.19 10.17 -26.76
CA ARG B 188 -21.22 8.79 -26.31
C ARG B 188 -19.82 8.22 -26.12
N PHE B 189 -18.95 8.45 -27.10
CA PHE B 189 -17.55 7.97 -27.03
C PHE B 189 -16.82 8.57 -25.83
N TYR B 190 -17.09 9.83 -25.56
CA TYR B 190 -16.53 10.53 -24.42
C TYR B 190 -17.02 9.91 -23.10
N GLN B 191 -18.31 9.58 -23.04
CA GLN B 191 -18.92 8.99 -21.85
C GLN B 191 -18.35 7.61 -21.52
N LEU B 192 -18.18 6.77 -22.54
CA LEU B 192 -17.62 5.43 -22.34
C LEU B 192 -16.13 5.45 -21.99
N THR B 193 -15.37 6.37 -22.58
CA THR B 193 -13.95 6.48 -22.23
C THR B 193 -13.75 7.02 -20.81
N LYS B 194 -14.68 7.88 -20.36
CA LYS B 194 -14.70 8.34 -18.97
C LYS B 194 -15.04 7.19 -18.02
N LEU B 195 -15.96 6.33 -18.44
CA LEU B 195 -16.29 5.13 -17.67
C LEU B 195 -15.06 4.24 -17.55
N LEU B 196 -14.38 4.02 -18.68
CA LEU B 196 -13.15 3.23 -18.70
C LEU B 196 -12.10 3.82 -17.78
N ASP B 197 -11.89 5.13 -17.86
CA ASP B 197 -10.97 5.83 -16.97
C ASP B 197 -11.31 5.63 -15.48
N SER B 198 -12.59 5.74 -15.15
CA SER B 198 -13.06 5.64 -13.76
C SER B 198 -12.95 4.24 -13.18
N MET B 199 -12.75 3.26 -14.06
CA MET B 199 -12.55 1.86 -13.64
C MET B 199 -11.28 1.66 -12.83
N HIS B 200 -10.24 2.45 -13.10
CA HIS B 200 -9.01 2.39 -12.31
C HIS B 200 -9.23 2.68 -10.85
N GLU B 201 -10.01 3.72 -10.58
CA GLU B 201 -10.33 4.12 -9.21
C GLU B 201 -11.24 3.07 -8.56
N MET B 202 -12.31 2.71 -9.25
CA MET B 202 -13.28 1.72 -8.75
C MET B 202 -12.68 0.34 -8.48
N VAL B 203 -11.64 -0.03 -9.22
CA VAL B 203 -10.99 -1.33 -9.06
C VAL B 203 -9.88 -1.27 -8.01
N GLY B 204 -9.27 -0.11 -7.87
CA GLY B 204 -8.24 0.13 -6.85
C GLY B 204 -8.67 -0.31 -5.46
N GLY B 205 -9.89 0.07 -5.07
CA GLY B 205 -10.44 -0.31 -3.78
C GLY B 205 -10.68 -1.80 -3.61
N LEU B 206 -11.07 -2.47 -4.70
CA LEU B 206 -11.30 -3.92 -4.68
C LEU B 206 -10.01 -4.69 -4.58
N LEU B 207 -8.97 -4.19 -5.27
CA LEU B 207 -7.64 -4.78 -5.20
C LEU B 207 -7.04 -4.67 -3.80
N GLN B 208 -7.27 -3.53 -3.14
CA GLN B 208 -6.78 -3.36 -1.78
C GLN B 208 -7.42 -4.40 -0.84
N PHE B 209 -8.74 -4.57 -0.94
CA PHE B 209 -9.43 -5.60 -0.16
C PHE B 209 -8.84 -6.98 -0.43
N CYS B 210 -8.64 -7.27 -1.72
CA CYS B 210 -8.12 -8.56 -2.15
C CYS B 210 -6.71 -8.82 -1.64
N PHE B 211 -5.81 -7.84 -1.81
CA PHE B 211 -4.44 -7.93 -1.30
C PHE B 211 -4.42 -8.19 0.21
N TYR B 212 -5.24 -7.42 0.93
CA TYR B 212 -5.37 -7.55 2.38
C TYR B 212 -5.78 -8.96 2.80
N THR B 213 -6.89 -9.42 2.24
CA THR B 213 -7.42 -10.76 2.49
C THR B 213 -6.37 -11.85 2.21
N PHE B 214 -5.51 -11.61 1.23
CA PHE B 214 -4.48 -12.57 0.86
C PHE B 214 -3.31 -12.61 1.84
N VAL B 215 -2.93 -11.45 2.38
CA VAL B 215 -1.75 -11.38 3.26
C VAL B 215 -2.08 -11.65 4.73
N ASN B 216 -3.24 -11.19 5.19
CA ASN B 216 -3.72 -11.44 6.54
C ASN B 216 -4.19 -12.89 6.64
N LYS B 217 -3.26 -13.79 6.95
CA LYS B 217 -3.51 -15.23 6.95
C LYS B 217 -4.49 -15.69 8.04
N SER B 218 -4.58 -14.92 9.13
CA SER B 218 -5.47 -15.23 10.25
C SER B 218 -6.95 -15.29 9.85
N LEU B 219 -7.29 -14.66 8.73
CA LEU B 219 -8.65 -14.65 8.21
C LEU B 219 -9.05 -16.01 7.62
N SER B 220 -8.05 -16.85 7.35
CA SER B 220 -8.24 -18.23 6.87
C SER B 220 -8.98 -18.37 5.53
N VAL B 221 -9.06 -17.28 4.78
CA VAL B 221 -9.72 -17.28 3.47
C VAL B 221 -8.89 -18.05 2.46
N GLU B 222 -9.54 -18.94 1.72
CA GLU B 222 -8.86 -19.78 0.74
C GLU B 222 -8.75 -19.13 -0.63
N PHE B 223 -7.61 -19.35 -1.27
CA PHE B 223 -7.29 -18.84 -2.60
C PHE B 223 -6.81 -19.99 -3.48
N PRO B 224 -7.46 -20.21 -4.64
CA PRO B 224 -6.93 -21.21 -5.57
C PRO B 224 -5.59 -20.77 -6.15
N GLU B 225 -4.84 -21.72 -6.69
CA GLU B 225 -3.49 -21.48 -7.21
C GLU B 225 -3.43 -20.40 -8.30
N MET B 226 -4.45 -20.35 -9.14
CA MET B 226 -4.53 -19.34 -10.21
C MET B 226 -4.49 -17.90 -9.66
N LEU B 227 -5.28 -17.64 -8.63
CA LEU B 227 -5.33 -16.31 -8.02
C LEU B 227 -4.12 -16.03 -7.14
N ALA B 228 -3.68 -17.04 -6.38
CA ALA B 228 -2.52 -16.91 -5.51
C ALA B 228 -1.26 -16.54 -6.31
N GLU B 229 -1.13 -17.15 -7.48
CA GLU B 229 0.01 -16.92 -8.36
C GLU B 229 0.00 -15.50 -8.91
N ILE B 230 -1.16 -15.03 -9.35
CA ILE B 230 -1.31 -13.68 -9.91
C ILE B 230 -1.17 -12.60 -8.83
N ILE B 231 -1.84 -12.78 -7.69
CA ILE B 231 -1.79 -11.81 -6.60
C ILE B 231 -0.37 -11.62 -6.06
N SER B 232 0.32 -12.71 -5.76
CA SER B 232 1.67 -12.64 -5.18
C SER B 232 2.68 -12.05 -6.18
N ASN B 233 2.41 -12.22 -7.46
CA ASN B 233 3.24 -11.62 -8.50
C ASN B 233 2.98 -10.11 -8.64
N GLN B 234 1.77 -9.68 -8.28
CA GLN B 234 1.35 -8.28 -8.41
C GLN B 234 1.62 -7.40 -7.19
N LEU B 235 1.61 -7.99 -5.99
CA LEU B 235 1.76 -7.26 -4.73
C LEU B 235 3.00 -6.35 -4.63
N PRO B 236 4.21 -6.89 -4.90
CA PRO B 236 5.38 -6.01 -4.85
C PRO B 236 5.32 -4.84 -5.85
N LYS B 237 4.79 -5.11 -7.05
CA LYS B 237 4.69 -4.11 -8.13
C LYS B 237 3.87 -2.88 -7.76
N PHE B 238 2.78 -3.07 -7.03
CA PHE B 238 1.94 -1.96 -6.58
C PHE B 238 2.62 -1.11 -5.50
N LYS B 239 3.22 -1.78 -4.51
CA LYS B 239 3.98 -1.11 -3.45
C LYS B 239 5.17 -0.32 -3.99
N ALA B 240 5.83 -0.86 -5.01
CA ALA B 240 6.94 -0.17 -5.68
C ALA B 240 6.45 0.99 -6.55
N GLY B 241 5.14 1.11 -6.72
CA GLY B 241 4.53 2.13 -7.58
C GLY B 241 4.99 1.98 -9.02
N SER B 242 4.93 0.75 -9.51
CA SER B 242 5.54 0.37 -10.78
C SER B 242 4.52 0.23 -11.94
N VAL B 243 3.23 0.33 -11.62
CA VAL B 243 2.19 0.13 -12.62
C VAL B 243 1.55 1.44 -13.07
N LYS B 244 1.35 1.57 -14.38
CA LYS B 244 0.77 2.77 -14.97
C LYS B 244 -0.63 2.50 -15.55
N PRO B 245 -1.65 3.12 -14.94
CA PRO B 245 -2.97 3.12 -15.59
C PRO B 245 -2.98 4.04 -16.81
N LEU B 246 -3.43 3.51 -17.95
CA LEU B 246 -3.63 4.31 -19.14
C LEU B 246 -4.95 5.07 -18.99
N LEU B 247 -4.91 6.40 -19.21
CA LEU B 247 -6.09 7.25 -19.06
C LEU B 247 -6.39 8.01 -20.34
N PHE B 248 -7.65 8.03 -20.75
CA PHE B 248 -8.06 8.76 -21.95
C PHE B 248 -8.07 10.27 -21.70
N HIS B 249 -8.36 10.66 -20.46
CA HIS B 249 -8.44 12.07 -20.09
C HIS B 249 -7.57 12.36 -18.90
N GLN B 250 -6.35 12.80 -19.18
CA GLN B 250 -5.35 13.06 -18.14
C GLN B 250 -5.63 14.40 -17.45
N ASN C 2 14.72 22.72 4.54
CA ASN C 2 14.84 24.15 4.14
C ASN C 2 14.62 25.15 5.29
N ALA C 3 13.79 26.16 5.03
CA ALA C 3 13.66 27.34 5.89
C ALA C 3 13.20 27.05 7.31
N LEU C 4 12.22 26.15 7.45
CA LEU C 4 11.61 25.87 8.75
C LEU C 4 12.53 25.08 9.67
N LEU C 5 13.25 24.11 9.11
CA LEU C 5 14.24 23.35 9.86
C LEU C 5 15.42 24.24 10.25
N ARG C 6 15.84 25.08 9.31
CA ARG C 6 16.90 26.07 9.55
C ARG C 6 16.54 27.01 10.69
N TYR C 7 15.28 27.44 10.73
CA TYR C 7 14.78 28.30 11.81
C TYR C 7 14.87 27.61 13.17
N LEU C 8 14.28 26.42 13.28
CA LEU C 8 14.23 25.67 14.54
C LEU C 8 15.61 25.37 15.14
N LEU C 9 16.60 25.17 14.28
CA LEU C 9 17.96 24.89 14.74
C LEU C 9 18.67 26.15 15.26
N ASP C 10 18.28 27.31 14.74
CA ASP C 10 18.89 28.59 15.14
C ASP C 10 18.19 29.24 16.34
N LYS C 11 16.91 28.97 16.50
CA LYS C 11 16.10 29.66 17.52
C LYS C 11 16.52 29.39 18.97
N ASP C 12 15.92 30.15 19.88
CA ASP C 12 16.10 30.00 21.34
C ASP C 12 17.50 30.41 21.80
N GLU D 1 8.34 -19.65 -11.23
CA GLU D 1 7.29 -18.61 -11.02
C GLU D 1 6.35 -18.49 -12.22
N ASN D 2 5.09 -18.15 -11.93
CA ASN D 2 4.04 -17.98 -12.95
C ASN D 2 3.81 -19.19 -13.84
N ALA D 3 3.96 -20.38 -13.26
CA ALA D 3 3.88 -21.63 -14.00
C ALA D 3 2.51 -21.89 -14.61
N LEU D 4 1.45 -21.60 -13.85
CA LEU D 4 0.08 -21.82 -14.31
C LEU D 4 -0.33 -20.89 -15.45
N LEU D 5 0.02 -19.62 -15.30
CA LEU D 5 -0.30 -18.63 -16.33
C LEU D 5 0.47 -18.89 -17.62
N ARG D 6 1.76 -19.21 -17.50
CA ARG D 6 2.57 -19.55 -18.68
C ARG D 6 2.08 -20.80 -19.38
N TYR D 7 1.65 -21.80 -18.60
CA TYR D 7 1.07 -23.02 -19.16
C TYR D 7 -0.18 -22.72 -20.00
N LEU D 8 -1.12 -21.96 -19.44
CA LEU D 8 -2.40 -21.68 -20.09
C LEU D 8 -2.24 -20.89 -21.39
N LEU D 9 -1.21 -20.05 -21.43
CA LEU D 9 -0.89 -19.28 -22.63
C LEU D 9 -0.24 -20.14 -23.72
N ASP D 10 0.32 -21.29 -23.34
CA ASP D 10 0.97 -22.21 -24.28
C ASP D 10 0.06 -23.32 -24.80
N LYS D 11 -0.85 -23.81 -23.95
CA LYS D 11 -1.68 -24.98 -24.26
C LYS D 11 -2.57 -24.83 -25.50
N ASP D 12 -3.17 -25.95 -25.91
CA ASP D 12 -4.18 -26.01 -26.96
C ASP D 12 -3.57 -25.81 -28.35
#